data_3OLN
#
_entry.id   3OLN
#
_cell.length_a   38.528
_cell.length_b   46.259
_cell.length_c   58.307
_cell.angle_alpha   104.55
_cell.angle_beta   93.87
_cell.angle_gamma   90.08
#
_symmetry.space_group_name_H-M   'P 1'
#
loop_
_entity.id
_entity.type
_entity.pdbx_description
1 polymer 'E3 ubiquitin-protein ligase UHRF2'
2 water water
#
_entity_poly.entity_id   1
_entity_poly.type   'polypeptide(L)'
_entity_poly.pdbx_seq_one_letter_code
;GSTESRRDWGRGMACVGRTRECTIVPSNHYGPIPGIPVGSTWRFRVQVSEAGVHRPHVGGIHGRSNDGAYSLVLAGGFAD
EVDRGDEFTYTGSGGKNLAGNKRIGAPSADQTLTNMNRALALNCDAPLDDKIGAESRNWRAGKPVRVIRSFKGRKISKYA
PEEGNRYDGIYKVVKYWPEISSSHGFLVWRYLLRRDDVEPAPWTSEGIERSRRLCLRLQYPAGYPSDKEGK
;
_entity_poly.pdbx_strand_id   A,B
#
# COMPACT_ATOMS: atom_id res chain seq x y z
N ILE A 24 18.87 -0.78 -17.12
CA ILE A 24 18.28 -0.98 -18.48
C ILE A 24 18.02 0.38 -19.12
N VAL A 25 17.30 1.24 -18.39
CA VAL A 25 17.14 2.64 -18.78
C VAL A 25 17.66 3.56 -17.66
N PRO A 26 18.18 4.74 -18.02
CA PRO A 26 18.59 5.70 -17.00
C PRO A 26 17.39 6.29 -16.24
N SER A 27 17.67 6.99 -15.14
CA SER A 27 16.64 7.71 -14.38
C SER A 27 15.92 8.75 -15.23
N ASN A 28 16.64 9.28 -16.21
CA ASN A 28 16.23 10.38 -17.08
C ASN A 28 15.31 9.94 -18.23
N HIS A 29 14.95 8.66 -18.27
CA HIS A 29 14.27 8.04 -19.43
C HIS A 29 12.82 8.50 -19.68
N TYR A 30 12.53 8.88 -20.92
CA TYR A 30 11.16 9.19 -21.37
C TYR A 30 10.54 7.98 -22.08
N GLY A 31 9.24 7.80 -21.89
CA GLY A 31 8.48 6.81 -22.65
C GLY A 31 8.35 5.46 -21.98
N PRO A 32 7.82 4.46 -22.71
CA PRO A 32 7.66 3.12 -22.14
C PRO A 32 9.00 2.51 -21.68
N ILE A 33 8.95 1.79 -20.56
CA ILE A 33 10.05 0.95 -20.12
C ILE A 33 10.02 -0.35 -20.93
N PRO A 34 11.12 -0.69 -21.62
CA PRO A 34 11.13 -1.90 -22.45
C PRO A 34 10.78 -3.17 -21.66
N GLY A 35 9.96 -4.03 -22.24
CA GLY A 35 9.57 -5.28 -21.60
C GLY A 35 8.52 -5.15 -20.51
N ILE A 36 7.98 -3.95 -20.35
CA ILE A 36 6.89 -3.73 -19.38
C ILE A 36 5.67 -3.14 -20.10
N PRO A 37 4.71 -4.02 -20.46
CA PRO A 37 3.58 -3.56 -21.25
C PRO A 37 2.52 -2.87 -20.42
N VAL A 38 1.63 -2.17 -21.10
CA VAL A 38 0.43 -1.61 -20.50
C VAL A 38 -0.38 -2.75 -19.89
N GLY A 39 -0.83 -2.56 -18.65
CA GLY A 39 -1.60 -3.58 -17.95
C GLY A 39 -0.78 -4.32 -16.91
N SER A 40 0.52 -4.08 -16.90
CA SER A 40 1.40 -4.58 -15.83
C SER A 40 0.97 -4.03 -14.46
N THR A 41 0.97 -4.89 -13.45
CA THR A 41 0.54 -4.51 -12.11
C THR A 41 1.58 -4.89 -11.06
N TRP A 42 1.67 -4.09 -10.00
CA TRP A 42 2.54 -4.38 -8.89
C TRP A 42 1.77 -4.13 -7.62
N ARG A 43 1.93 -5.04 -6.67
CA ARG A 43 1.27 -4.95 -5.38
C ARG A 43 1.73 -3.71 -4.60
N PHE A 44 3.03 -3.39 -4.66
CA PHE A 44 3.61 -2.34 -3.84
C PHE A 44 4.31 -1.26 -4.65
N ARG A 45 4.31 -0.03 -4.13
CA ARG A 45 5.00 1.08 -4.77
C ARG A 45 6.50 0.84 -4.91
N VAL A 46 7.11 0.16 -3.94
CA VAL A 46 8.54 -0.17 -4.04
C VAL A 46 8.84 -1.00 -5.28
N GLN A 47 7.90 -1.86 -5.66
CA GLN A 47 8.04 -2.72 -6.86
C GLN A 47 7.91 -1.92 -8.15
N VAL A 48 6.92 -1.02 -8.19
CA VAL A 48 6.76 -0.06 -9.29
C VAL A 48 8.06 0.71 -9.51
N SER A 49 8.66 1.12 -8.38
CA SER A 49 9.95 1.79 -8.35
C SER A 49 11.10 0.90 -8.87
N GLU A 50 11.14 -0.37 -8.42
CA GLU A 50 12.14 -1.35 -8.87
C GLU A 50 12.10 -1.59 -10.37
N ALA A 51 10.89 -1.62 -10.93
CA ALA A 51 10.70 -1.86 -12.36
C ALA A 51 11.06 -0.64 -13.20
N GLY A 52 11.29 0.49 -12.54
CA GLY A 52 11.68 1.72 -13.22
C GLY A 52 10.52 2.50 -13.84
N VAL A 53 9.31 1.97 -13.67
CA VAL A 53 8.09 2.58 -14.24
C VAL A 53 7.76 3.92 -13.59
N HIS A 54 7.82 3.96 -12.26
CA HIS A 54 7.73 5.21 -11.52
C HIS A 54 8.70 5.11 -10.36
N ARG A 55 9.86 5.72 -10.53
CA ARG A 55 11.00 5.49 -9.65
C ARG A 55 10.88 6.01 -8.21
N PRO A 56 10.16 7.14 -8.00
CA PRO A 56 9.95 7.54 -6.61
C PRO A 56 8.86 6.71 -5.92
N HIS A 57 9.20 6.04 -4.82
CA HIS A 57 8.23 5.19 -4.14
C HIS A 57 7.30 5.96 -3.19
N VAL A 58 7.64 7.22 -2.88
CA VAL A 58 6.73 8.08 -2.15
C VAL A 58 6.23 9.28 -2.98
N GLY A 59 7.16 10.03 -3.59
CA GLY A 59 6.78 11.15 -4.45
C GLY A 59 5.76 10.75 -5.52
N GLY A 60 4.76 11.60 -5.74
CA GLY A 60 3.71 11.35 -6.72
C GLY A 60 4.11 11.60 -8.17
N ILE A 61 5.20 12.33 -8.39
CA ILE A 61 5.59 12.67 -9.75
C ILE A 61 7.10 12.65 -9.88
N HIS A 62 7.57 12.07 -10.98
CA HIS A 62 9.00 12.01 -11.24
C HIS A 62 9.35 12.92 -12.40
N GLY A 63 10.24 13.86 -12.15
CA GLY A 63 10.64 14.82 -13.16
C GLY A 63 11.85 15.62 -12.77
N ARG A 64 12.31 16.46 -13.70
CA ARG A 64 13.38 17.42 -13.45
C ARG A 64 12.94 18.77 -13.99
N SER A 65 12.96 19.78 -13.12
CA SER A 65 12.41 21.11 -13.41
C SER A 65 13.04 21.79 -14.63
N ASN A 66 14.28 21.39 -14.95
CA ASN A 66 14.99 21.90 -16.11
C ASN A 66 14.92 20.97 -17.34
N ASP A 67 14.09 19.93 -17.24
CA ASP A 67 13.95 18.96 -18.33
C ASP A 67 12.48 18.62 -18.62
N GLY A 68 11.83 17.90 -17.71
CA GLY A 68 10.44 17.50 -17.87
C GLY A 68 10.05 16.37 -16.93
N ALA A 69 8.80 15.91 -17.05
CA ALA A 69 8.29 14.83 -16.20
C ALA A 69 8.32 13.50 -16.95
N TYR A 70 8.67 12.43 -16.22
CA TYR A 70 8.86 11.12 -16.83
C TYR A 70 7.71 10.18 -16.49
N SER A 71 7.14 10.36 -15.29
CA SER A 71 6.08 9.52 -14.79
C SER A 71 5.33 10.23 -13.66
N LEU A 72 4.09 9.79 -13.42
CA LEU A 72 3.33 10.26 -12.28
C LEU A 72 2.39 9.14 -11.81
N VAL A 73 1.97 9.24 -10.56
CA VAL A 73 0.99 8.31 -10.00
C VAL A 73 -0.33 9.04 -9.82
N LEU A 74 -1.39 8.45 -10.35
CA LEU A 74 -2.72 9.04 -10.22
C LEU A 74 -3.55 8.21 -9.25
N ALA A 75 -4.11 8.88 -8.24
CA ALA A 75 -4.92 8.21 -7.22
C ALA A 75 -6.29 8.88 -7.04
N GLY A 76 -6.97 9.17 -8.13
CA GLY A 76 -8.34 9.70 -8.06
C GLY A 76 -8.57 11.15 -8.47
N GLY A 77 -7.55 11.99 -8.37
CA GLY A 77 -7.68 13.42 -8.70
C GLY A 77 -8.29 14.26 -7.58
N PHE A 78 -8.44 15.55 -7.83
CA PHE A 78 -8.85 16.51 -6.79
C PHE A 78 -10.33 16.48 -6.43
N ALA A 79 -11.15 15.95 -7.35
CA ALA A 79 -12.61 15.98 -7.20
C ALA A 79 -13.25 14.75 -7.85
N ASP A 80 -14.52 14.49 -7.54
CA ASP A 80 -15.28 13.44 -8.20
C ASP A 80 -15.31 13.67 -9.71
N GLU A 81 -15.30 12.56 -10.46
CA GLU A 81 -15.45 12.57 -11.93
C GLU A 81 -14.33 13.30 -12.67
N VAL A 82 -13.17 13.44 -12.03
CA VAL A 82 -12.00 14.08 -12.65
C VAL A 82 -11.19 13.10 -13.52
N ASP A 83 -11.14 11.83 -13.11
CA ASP A 83 -10.48 10.80 -13.91
C ASP A 83 -11.45 10.22 -14.94
N ARG A 84 -11.18 10.50 -16.21
CA ARG A 84 -12.03 10.02 -17.30
C ARG A 84 -11.32 9.01 -18.19
N GLY A 85 -10.29 8.36 -17.64
CA GLY A 85 -9.59 7.28 -18.35
C GLY A 85 -8.61 7.79 -19.38
N ASP A 86 -9.10 7.98 -20.61
CA ASP A 86 -8.31 8.55 -21.70
C ASP A 86 -7.87 9.98 -21.42
N GLU A 87 -8.60 10.68 -20.53
CA GLU A 87 -8.25 12.03 -20.10
C GLU A 87 -8.42 12.19 -18.60
N PHE A 88 -7.47 12.86 -17.97
CA PHE A 88 -7.61 13.26 -16.57
C PHE A 88 -7.03 14.65 -16.29
N THR A 89 -7.52 15.27 -15.22
CA THR A 89 -7.04 16.57 -14.78
C THR A 89 -6.15 16.37 -13.55
N TYR A 90 -4.88 16.69 -13.73
CA TYR A 90 -3.89 16.53 -12.66
C TYR A 90 -3.69 17.86 -11.93
N THR A 91 -3.36 17.78 -10.65
CA THR A 91 -3.19 18.97 -9.83
C THR A 91 -1.75 19.10 -9.36
N GLY A 92 -1.20 20.30 -9.51
CA GLY A 92 0.16 20.60 -9.07
C GLY A 92 0.39 20.57 -7.57
N SER A 93 1.64 20.66 -7.18
CA SER A 93 2.03 20.59 -5.77
C SER A 93 2.49 21.95 -5.28
N GLY A 94 2.60 22.11 -3.96
CA GLY A 94 3.03 23.36 -3.34
C GLY A 94 2.07 23.86 -2.27
N GLY A 95 2.30 25.08 -1.77
CA GLY A 95 1.44 25.68 -0.74
C GLY A 95 1.79 25.25 0.68
N PRO A 107 -2.81 24.78 2.97
CA PRO A 107 -2.65 25.53 1.72
C PRO A 107 -2.50 27.03 1.99
N SER A 108 -1.25 27.47 2.21
CA SER A 108 -0.98 28.82 2.71
C SER A 108 -0.27 29.76 1.71
N ALA A 109 -0.07 29.30 0.48
CA ALA A 109 0.61 30.11 -0.54
C ALA A 109 0.21 29.73 -1.99
N ASP A 110 0.30 30.71 -2.89
CA ASP A 110 0.17 30.50 -4.33
C ASP A 110 1.18 29.46 -4.82
N GLN A 111 0.68 28.41 -5.48
CA GLN A 111 1.55 27.47 -6.17
C GLN A 111 2.31 28.21 -7.26
N THR A 112 3.44 27.64 -7.66
CA THR A 112 4.32 28.30 -8.60
C THR A 112 4.74 27.30 -9.66
N LEU A 113 5.11 27.80 -10.83
CA LEU A 113 5.53 26.93 -11.93
C LEU A 113 7.03 26.65 -11.81
N THR A 114 7.36 25.96 -10.72
CA THR A 114 8.73 25.57 -10.38
C THR A 114 8.73 24.10 -10.01
N ASN A 115 9.92 23.55 -9.76
CA ASN A 115 10.05 22.17 -9.30
C ASN A 115 9.30 21.21 -10.24
N MET A 116 8.50 20.31 -9.67
CA MET A 116 7.77 19.31 -10.47
C MET A 116 6.60 19.91 -11.26
N ASN A 117 6.03 21.01 -10.77
CA ASN A 117 5.01 21.75 -11.52
C ASN A 117 5.55 22.23 -12.87
N ARG A 118 6.78 22.76 -12.86
CA ARG A 118 7.43 23.22 -14.08
C ARG A 118 7.79 22.05 -14.97
N ALA A 119 8.32 20.99 -14.38
CA ALA A 119 8.70 19.77 -15.10
C ALA A 119 7.53 19.26 -15.94
N LEU A 120 6.34 19.18 -15.33
CA LEU A 120 5.17 18.68 -16.03
C LEU A 120 4.76 19.60 -17.18
N ALA A 121 4.76 20.90 -16.94
CA ALA A 121 4.35 21.88 -17.95
C ALA A 121 5.30 21.91 -19.15
N LEU A 122 6.56 21.52 -18.95
CA LEU A 122 7.55 21.48 -20.02
C LEU A 122 7.24 20.39 -21.03
N ASN A 123 6.57 19.34 -20.58
CA ASN A 123 6.13 18.26 -21.46
C ASN A 123 5.12 18.72 -22.50
N CYS A 124 4.32 19.72 -22.15
CA CYS A 124 3.36 20.33 -23.06
C CYS A 124 4.07 20.93 -24.26
N ASP A 125 3.53 20.70 -25.46
CA ASP A 125 4.10 21.23 -26.69
C ASP A 125 3.72 22.70 -26.93
N ALA A 126 4.24 23.56 -26.04
CA ALA A 126 4.01 25.00 -26.12
C ALA A 126 5.06 25.73 -25.29
N PRO A 127 5.45 26.95 -25.71
CA PRO A 127 6.29 27.77 -24.84
C PRO A 127 5.75 27.80 -23.40
N LEU A 128 6.64 27.84 -22.44
CA LEU A 128 6.27 27.87 -21.03
C LEU A 128 5.71 29.24 -20.64
N ASP A 129 4.51 29.25 -20.05
CA ASP A 129 3.88 30.48 -19.59
C ASP A 129 3.41 30.31 -18.15
N ASP A 130 4.03 31.06 -17.24
CA ASP A 130 3.76 30.92 -15.80
C ASP A 130 2.66 31.85 -15.28
N LYS A 131 2.04 32.61 -16.18
CA LYS A 131 0.98 33.54 -15.81
C LYS A 131 -0.41 33.06 -16.22
N ILE A 132 -0.58 32.69 -17.48
CA ILE A 132 -1.88 32.23 -17.99
C ILE A 132 -1.95 30.74 -18.31
N GLY A 133 -0.80 30.07 -18.23
CA GLY A 133 -0.67 28.70 -18.72
C GLY A 133 -0.63 28.72 -20.24
N ALA A 134 -0.71 27.53 -20.84
CA ALA A 134 -0.65 27.40 -22.29
C ALA A 134 -1.36 26.17 -22.78
N GLU A 135 -1.85 26.24 -24.02
CA GLU A 135 -2.38 25.06 -24.71
C GLU A 135 -1.37 24.65 -25.78
N SER A 136 -1.14 23.34 -25.88
CA SER A 136 -0.24 22.78 -26.88
C SER A 136 -0.73 23.08 -28.30
N ARG A 137 0.21 23.37 -29.19
CA ARG A 137 -0.08 23.60 -30.60
C ARG A 137 -0.57 22.30 -31.25
N ASN A 138 0.24 21.24 -31.10
CA ASN A 138 -0.17 19.87 -31.46
C ASN A 138 0.14 18.97 -30.27
N TRP A 139 -0.91 18.45 -29.65
CA TRP A 139 -0.81 17.78 -28.34
C TRP A 139 -0.03 16.45 -28.33
N ARG A 140 0.00 15.77 -29.47
CA ARG A 140 0.72 14.49 -29.59
C ARG A 140 2.24 14.66 -29.65
N ALA A 141 2.68 15.88 -29.95
CA ALA A 141 4.10 16.20 -30.04
C ALA A 141 4.74 16.48 -28.68
N GLY A 142 3.94 16.44 -27.62
CA GLY A 142 4.42 16.68 -26.26
C GLY A 142 5.35 15.55 -25.81
N LYS A 143 6.07 15.80 -24.72
CA LYS A 143 6.91 14.75 -24.14
C LYS A 143 6.03 13.79 -23.35
N PRO A 144 6.31 12.48 -23.45
CA PRO A 144 5.43 11.47 -22.85
C PRO A 144 5.59 11.36 -21.33
N VAL A 145 4.48 11.06 -20.64
CA VAL A 145 4.46 10.79 -19.20
C VAL A 145 3.93 9.38 -18.99
N ARG A 146 4.65 8.58 -18.22
CA ARG A 146 4.14 7.28 -17.82
C ARG A 146 3.13 7.47 -16.70
N VAL A 147 1.91 6.97 -16.89
CA VAL A 147 0.88 7.09 -15.86
C VAL A 147 0.58 5.75 -15.20
N ILE A 148 0.71 5.74 -13.88
CA ILE A 148 0.40 4.59 -13.04
C ILE A 148 -0.84 4.95 -12.22
N ARG A 149 -1.87 4.12 -12.29
CA ARG A 149 -3.03 4.31 -11.42
C ARG A 149 -2.91 3.46 -10.15
N SER A 150 -3.17 4.09 -9.01
CA SER A 150 -3.09 3.45 -7.72
C SER A 150 -4.47 3.01 -7.26
N PHE A 151 -4.51 1.93 -6.49
CA PHE A 151 -5.73 1.44 -5.88
C PHE A 151 -6.33 2.46 -4.93
N LYS A 152 -5.50 3.42 -4.48
CA LYS A 152 -5.91 4.43 -3.49
C LYS A 152 -7.04 5.32 -4.01
N GLY A 153 -7.23 5.33 -5.34
CA GLY A 153 -8.32 6.09 -5.94
C GLY A 153 -9.55 5.28 -6.36
N ARG A 154 -9.67 4.04 -5.87
CA ARG A 154 -10.74 3.11 -6.28
C ARG A 154 -12.16 3.53 -5.86
N LYS A 155 -12.27 4.37 -4.83
CA LYS A 155 -13.57 4.83 -4.38
C LYS A 155 -14.06 6.04 -5.18
N ILE A 156 -13.13 6.67 -5.90
CA ILE A 156 -13.31 7.96 -6.57
C ILE A 156 -13.28 7.83 -8.09
N SER A 157 -12.46 6.91 -8.59
CA SER A 157 -12.30 6.70 -10.02
C SER A 157 -12.64 5.27 -10.40
N LYS A 158 -13.50 5.12 -11.41
CA LYS A 158 -13.85 3.81 -11.93
C LYS A 158 -12.70 3.16 -12.70
N TYR A 159 -11.70 3.98 -13.07
CA TYR A 159 -10.53 3.54 -13.82
C TYR A 159 -9.37 3.04 -12.96
N ALA A 160 -9.41 3.37 -11.67
CA ALA A 160 -8.40 2.89 -10.73
C ALA A 160 -8.39 1.37 -10.61
N PRO A 161 -7.20 0.77 -10.46
CA PRO A 161 -7.19 -0.66 -10.15
C PRO A 161 -7.81 -0.88 -8.78
N GLU A 162 -8.38 -2.06 -8.54
CA GLU A 162 -9.01 -2.34 -7.26
C GLU A 162 -8.00 -2.73 -6.18
N GLU A 163 -6.81 -3.12 -6.61
CA GLU A 163 -5.69 -3.36 -5.71
C GLU A 163 -4.38 -3.07 -6.43
N GLY A 164 -3.34 -2.74 -5.67
CA GLY A 164 -2.01 -2.50 -6.22
C GLY A 164 -1.88 -1.28 -7.09
N ASN A 165 -1.01 -1.39 -8.08
CA ASN A 165 -0.69 -0.31 -9.01
C ASN A 165 -0.67 -0.88 -10.42
N ARG A 166 -1.17 -0.12 -11.37
CA ARG A 166 -1.23 -0.60 -12.73
C ARG A 166 -0.71 0.47 -13.69
N TYR A 167 0.14 0.06 -14.61
CA TYR A 167 0.69 0.94 -15.63
C TYR A 167 -0.30 1.08 -16.77
N ASP A 168 -0.74 2.32 -17.03
CA ASP A 168 -1.81 2.56 -18.00
C ASP A 168 -1.33 3.16 -19.32
N GLY A 169 -0.01 3.36 -19.43
CA GLY A 169 0.59 3.80 -20.69
C GLY A 169 0.96 5.26 -20.70
N ILE A 170 1.14 5.80 -21.91
CA ILE A 170 1.64 7.14 -22.11
C ILE A 170 0.54 8.19 -22.29
N TYR A 171 0.75 9.32 -21.63
CA TYR A 171 -0.16 10.47 -21.65
C TYR A 171 0.64 11.70 -22.00
N LYS A 172 -0.03 12.68 -22.62
CA LYS A 172 0.61 13.94 -22.95
C LYS A 172 -0.15 15.07 -22.26
N VAL A 173 0.59 16.11 -21.87
CA VAL A 173 -0.02 17.30 -21.30
C VAL A 173 -0.61 18.13 -22.45
N VAL A 174 -1.94 18.11 -22.56
CA VAL A 174 -2.64 18.85 -23.61
C VAL A 174 -2.53 20.36 -23.33
N LYS A 175 -2.79 20.73 -22.09
CA LYS A 175 -2.73 22.11 -21.65
C LYS A 175 -2.54 22.17 -20.14
N TYR A 176 -2.21 23.35 -19.64
CA TYR A 176 -2.14 23.60 -18.21
C TYR A 176 -2.52 25.05 -17.93
N TRP A 177 -3.15 25.27 -16.79
CA TRP A 177 -3.68 26.59 -16.47
C TRP A 177 -3.69 26.84 -14.96
N PRO A 178 -3.66 28.13 -14.55
CA PRO A 178 -3.76 28.43 -13.13
C PRO A 178 -5.22 28.63 -12.71
N GLU A 179 -5.52 28.32 -11.45
CA GLU A 179 -6.84 28.56 -10.88
C GLU A 179 -6.68 29.03 -9.45
N ILE A 180 -7.48 30.00 -9.06
CA ILE A 180 -7.56 30.42 -7.67
C ILE A 180 -8.65 29.56 -7.05
N SER A 181 -8.36 28.96 -5.90
CA SER A 181 -9.34 28.09 -5.27
C SER A 181 -10.34 28.91 -4.50
N SER A 182 -11.59 28.46 -4.50
CA SER A 182 -12.67 29.17 -3.85
C SER A 182 -12.60 29.06 -2.33
N SER A 183 -12.12 27.93 -1.83
CA SER A 183 -12.10 27.68 -0.38
C SER A 183 -10.88 28.19 0.37
N HIS A 184 -9.73 28.34 -0.29
CA HIS A 184 -8.56 28.89 0.39
C HIS A 184 -7.93 30.13 -0.26
N GLY A 185 -8.30 30.41 -1.51
CA GLY A 185 -7.91 31.65 -2.16
C GLY A 185 -6.47 31.74 -2.62
N PHE A 186 -5.87 30.59 -2.90
CA PHE A 186 -4.51 30.55 -3.45
C PHE A 186 -4.47 29.89 -4.82
N LEU A 187 -3.48 30.28 -5.62
CA LEU A 187 -3.30 29.75 -6.96
C LEU A 187 -2.88 28.29 -6.89
N VAL A 188 -3.54 27.46 -7.68
CA VAL A 188 -3.18 26.05 -7.84
C VAL A 188 -3.05 25.74 -9.33
N TRP A 189 -1.99 25.02 -9.71
CA TRP A 189 -1.79 24.63 -11.10
C TRP A 189 -2.58 23.38 -11.46
N ARG A 190 -3.14 23.38 -12.66
CA ARG A 190 -4.00 22.32 -13.14
C ARG A 190 -3.49 21.86 -14.51
N TYR A 191 -3.57 20.56 -14.78
CA TYR A 191 -3.03 19.98 -16.01
C TYR A 191 -4.03 19.03 -16.66
N LEU A 192 -4.29 19.20 -17.96
CA LEU A 192 -5.06 18.21 -18.69
C LEU A 192 -4.14 17.19 -19.37
N LEU A 193 -4.33 15.93 -19.02
CA LEU A 193 -3.56 14.82 -19.62
C LEU A 193 -4.46 13.91 -20.44
N ARG A 194 -3.95 13.50 -21.60
CA ARG A 194 -4.71 12.70 -22.56
C ARG A 194 -3.83 11.55 -23.04
N ARG A 195 -4.38 10.34 -23.03
CA ARG A 195 -3.64 9.14 -23.39
C ARG A 195 -3.19 9.16 -24.85
N ASP A 196 -1.92 8.85 -25.08
CA ASP A 196 -1.41 8.71 -26.43
C ASP A 196 -0.49 7.51 -26.51
N ASP A 197 -1.09 6.34 -26.72
CA ASP A 197 -0.37 5.08 -26.68
C ASP A 197 -0.92 4.11 -27.74
N VAL A 198 -0.01 3.38 -28.37
CA VAL A 198 -0.37 2.37 -29.37
C VAL A 198 -1.04 1.18 -28.68
N GLU A 199 -0.57 0.87 -27.47
CA GLU A 199 -1.14 -0.21 -26.65
C GLU A 199 -2.51 0.20 -26.12
N PRO A 200 -3.51 -0.69 -26.28
CA PRO A 200 -4.87 -0.39 -25.79
C PRO A 200 -4.92 -0.24 -24.28
N ALA A 201 -5.79 0.65 -23.80
CA ALA A 201 -5.90 0.93 -22.37
C ALA A 201 -6.49 -0.28 -21.64
N PRO A 202 -6.02 -0.54 -20.40
CA PRO A 202 -6.33 -1.78 -19.68
C PRO A 202 -7.81 -2.05 -19.46
N TRP A 203 -8.63 -1.00 -19.43
CA TRP A 203 -10.08 -1.11 -19.18
C TRP A 203 -10.89 -1.38 -20.45
N THR A 204 -10.24 -1.33 -21.61
CA THR A 204 -10.92 -1.59 -22.89
C THR A 204 -10.93 -3.08 -23.24
N SER A 205 -11.88 -3.49 -24.09
CA SER A 205 -11.96 -4.87 -24.57
C SER A 205 -10.61 -5.36 -25.07
N GLU A 206 -9.99 -4.56 -25.94
CA GLU A 206 -8.65 -4.83 -26.46
C GLU A 206 -7.64 -5.01 -25.32
N GLY A 207 -7.61 -4.06 -24.39
CA GLY A 207 -6.70 -4.10 -23.24
C GLY A 207 -6.92 -5.30 -22.32
N ILE A 208 -8.18 -5.61 -22.06
CA ILE A 208 -8.57 -6.80 -21.28
C ILE A 208 -8.05 -8.10 -21.90
N GLU A 209 -8.28 -8.26 -23.20
CA GLU A 209 -7.86 -9.45 -23.93
C GLU A 209 -6.33 -9.56 -24.02
N ARG A 210 -5.66 -8.43 -24.21
CA ARG A 210 -4.20 -8.39 -24.31
C ARG A 210 -3.56 -8.93 -23.02
N SER A 211 -4.04 -8.45 -21.87
CA SER A 211 -3.59 -8.89 -20.54
C SER A 211 -3.76 -10.39 -20.29
N ARG A 212 -4.91 -10.92 -20.70
CA ARG A 212 -5.20 -12.36 -20.58
C ARG A 212 -4.20 -13.19 -21.38
N ARG A 213 -3.87 -12.71 -22.57
CA ARG A 213 -2.90 -13.37 -23.45
C ARG A 213 -1.47 -13.33 -22.90
N LEU A 214 -1.07 -12.18 -22.36
CA LEU A 214 0.25 -12.01 -21.73
C LEU A 214 0.41 -12.91 -20.50
N CYS A 215 0.98 -14.09 -20.69
CA CYS A 215 1.22 -15.07 -19.62
C CYS A 215 2.37 -16.03 -19.96
N ILE B 24 9.75 -22.47 30.65
CA ILE B 24 9.24 -21.30 31.42
C ILE B 24 7.71 -21.25 31.34
N VAL B 25 7.20 -21.22 30.11
CA VAL B 25 5.76 -21.26 29.85
C VAL B 25 5.43 -22.40 28.88
N PRO B 26 4.19 -22.94 28.94
CA PRO B 26 3.79 -23.99 28.00
C PRO B 26 3.57 -23.49 26.56
N SER B 27 3.49 -24.43 25.62
CA SER B 27 3.26 -24.13 24.21
C SER B 27 2.01 -23.28 23.95
N ASN B 28 0.95 -23.56 24.70
CA ASN B 28 -0.35 -22.91 24.50
C ASN B 28 -0.61 -21.75 25.48
N HIS B 29 0.47 -21.07 25.87
CA HIS B 29 0.38 -19.90 26.75
C HIS B 29 -0.17 -18.68 26.02
N TYR B 30 -1.15 -18.02 26.64
CA TYR B 30 -1.68 -16.74 26.20
C TYR B 30 -1.00 -15.59 26.94
N GLY B 31 -0.74 -14.51 26.23
CA GLY B 31 -0.22 -13.29 26.85
C GLY B 31 1.30 -13.15 26.76
N PRO B 32 1.84 -12.12 27.44
CA PRO B 32 3.29 -11.89 27.39
C PRO B 32 4.09 -12.99 28.08
N ILE B 33 5.28 -13.25 27.54
CA ILE B 33 6.25 -14.17 28.14
C ILE B 33 6.97 -13.46 29.26
N PRO B 34 6.91 -13.99 30.50
CA PRO B 34 7.56 -13.35 31.64
C PRO B 34 9.04 -13.10 31.35
N GLY B 35 9.50 -11.88 31.64
CA GLY B 35 10.89 -11.52 31.46
C GLY B 35 11.25 -10.98 30.09
N ILE B 36 10.30 -11.02 29.16
CA ILE B 36 10.54 -10.48 27.82
C ILE B 36 9.60 -9.29 27.59
N PRO B 37 10.11 -8.07 27.80
CA PRO B 37 9.27 -6.87 27.67
C PRO B 37 9.09 -6.48 26.21
N VAL B 38 8.10 -5.62 25.97
CA VAL B 38 7.87 -5.01 24.65
C VAL B 38 9.15 -4.28 24.22
N GLY B 39 9.54 -4.45 22.96
CA GLY B 39 10.75 -3.81 22.44
C GLY B 39 11.92 -4.77 22.34
N SER B 40 11.80 -5.94 22.96
CA SER B 40 12.82 -6.98 22.85
C SER B 40 13.03 -7.37 21.39
N THR B 41 14.29 -7.59 21.01
CA THR B 41 14.65 -7.88 19.62
C THR B 41 15.58 -9.08 19.51
N TRP B 42 15.44 -9.81 18.42
CA TRP B 42 16.28 -10.95 18.12
C TRP B 42 16.63 -10.86 16.66
N ARG B 43 17.88 -11.19 16.34
N ARG B 43 17.88 -11.19 16.36
CA ARG B 43 18.35 -11.12 14.96
CA ARG B 43 18.43 -11.16 15.01
C ARG B 43 17.70 -12.19 14.07
C ARG B 43 17.78 -12.20 14.08
N PHE B 44 17.50 -13.39 14.63
CA PHE B 44 16.99 -14.53 13.85
C PHE B 44 15.67 -15.10 14.36
N ARG B 45 14.88 -15.65 13.44
CA ARG B 45 13.61 -16.29 13.78
C ARG B 45 13.74 -17.45 14.75
N VAL B 46 14.81 -18.27 14.61
CA VAL B 46 15.05 -19.37 15.57
C VAL B 46 15.21 -18.86 17.00
N GLN B 47 15.76 -17.66 17.16
CA GLN B 47 15.94 -17.04 18.47
C GLN B 47 14.60 -16.60 19.06
N VAL B 48 13.70 -16.11 18.21
CA VAL B 48 12.34 -15.73 18.61
C VAL B 48 11.54 -16.96 19.12
N SER B 49 11.80 -18.12 18.48
CA SER B 49 11.24 -19.41 18.89
C SER B 49 11.73 -19.84 20.26
N GLU B 50 13.04 -19.79 20.44
CA GLU B 50 13.69 -20.26 21.67
C GLU B 50 13.34 -19.40 22.87
N ALA B 51 13.06 -18.12 22.63
CA ALA B 51 12.52 -17.22 23.66
C ALA B 51 11.06 -17.54 23.95
N GLY B 52 10.41 -18.31 23.07
CA GLY B 52 9.01 -18.69 23.26
C GLY B 52 7.99 -17.62 22.86
N VAL B 53 8.49 -16.51 22.31
CA VAL B 53 7.62 -15.40 21.89
C VAL B 53 6.76 -15.73 20.66
N HIS B 54 7.38 -16.38 19.67
CA HIS B 54 6.67 -16.96 18.55
C HIS B 54 7.35 -18.28 18.20
N ARG B 55 6.71 -19.38 18.59
CA ARG B 55 7.40 -20.68 18.58
C ARG B 55 7.72 -21.27 17.21
N PRO B 56 6.80 -21.14 16.23
CA PRO B 56 7.14 -21.59 14.88
C PRO B 56 8.21 -20.69 14.27
N HIS B 57 9.33 -21.28 13.83
CA HIS B 57 10.39 -20.51 13.24
C HIS B 57 10.23 -20.36 11.71
N VAL B 58 9.32 -21.13 11.11
CA VAL B 58 8.92 -20.87 9.72
C VAL B 58 7.46 -20.42 9.57
N GLY B 59 6.54 -21.03 10.35
CA GLY B 59 5.13 -20.65 10.34
C GLY B 59 4.89 -19.20 10.75
N GLY B 60 3.96 -18.55 10.07
CA GLY B 60 3.65 -17.14 10.33
C GLY B 60 2.73 -16.90 11.52
N ILE B 61 2.01 -17.93 11.92
CA ILE B 61 1.04 -17.79 13.01
C ILE B 61 1.06 -19.06 13.88
N HIS B 62 1.07 -18.86 15.20
CA HIS B 62 1.03 -19.99 16.12
C HIS B 62 -0.31 -20.03 16.84
N GLY B 63 -1.02 -21.14 16.68
CA GLY B 63 -2.30 -21.33 17.33
C GLY B 63 -2.81 -22.76 17.24
N ARG B 64 -3.96 -23.00 17.86
CA ARG B 64 -4.66 -24.28 17.77
C ARG B 64 -6.08 -24.01 17.31
N SER B 65 -6.49 -24.75 16.28
CA SER B 65 -7.75 -24.52 15.58
C SER B 65 -9.00 -24.61 16.48
N ASN B 66 -8.85 -25.34 17.59
CA ASN B 66 -9.93 -25.57 18.55
C ASN B 66 -9.78 -24.73 19.83
N ASP B 67 -8.76 -23.89 19.88
CA ASP B 67 -8.44 -23.10 21.06
C ASP B 67 -8.35 -21.61 20.76
N GLY B 68 -7.32 -21.24 20.00
CA GLY B 68 -7.04 -19.84 19.66
C GLY B 68 -5.61 -19.63 19.18
N ALA B 69 -5.28 -18.38 18.86
CA ALA B 69 -3.95 -18.01 18.37
C ALA B 69 -3.16 -17.31 19.47
N TYR B 70 -1.90 -17.69 19.60
CA TYR B 70 -1.03 -17.18 20.66
C TYR B 70 -0.09 -16.09 20.19
N SER B 71 0.29 -16.13 18.91
CA SER B 71 1.24 -15.19 18.35
C SER B 71 1.25 -15.24 16.84
N LEU B 72 1.73 -14.15 16.22
CA LEU B 72 1.93 -14.12 14.78
C LEU B 72 3.08 -13.20 14.44
N VAL B 73 3.67 -13.42 13.26
CA VAL B 73 4.70 -12.54 12.70
C VAL B 73 4.08 -11.67 11.61
N LEU B 74 4.33 -10.38 11.69
CA LEU B 74 3.81 -9.43 10.71
C LEU B 74 4.97 -8.89 9.91
N ALA B 75 4.83 -8.92 8.59
CA ALA B 75 5.89 -8.48 7.69
C ALA B 75 5.35 -7.52 6.64
N GLY B 76 4.52 -6.58 7.07
CA GLY B 76 4.06 -5.49 6.19
C GLY B 76 2.65 -5.60 5.64
N GLY B 77 2.11 -6.81 5.62
CA GLY B 77 0.75 -7.04 5.15
C GLY B 77 0.57 -7.17 3.64
N PHE B 78 -0.68 -7.26 3.21
CA PHE B 78 -1.03 -7.61 1.84
C PHE B 78 -0.96 -6.45 0.83
N ALA B 79 -0.83 -5.23 1.35
CA ALA B 79 -0.93 -4.02 0.52
C ALA B 79 -0.20 -2.86 1.20
N ASP B 80 0.07 -1.80 0.45
CA ASP B 80 0.64 -0.60 1.04
C ASP B 80 -0.31 -0.04 2.11
N GLU B 81 0.26 0.52 3.17
CA GLU B 81 -0.52 1.25 4.19
C GLU B 81 -1.40 0.41 5.13
N VAL B 82 -1.29 -0.91 5.10
CA VAL B 82 -2.14 -1.75 5.97
C VAL B 82 -1.62 -1.80 7.42
N ASP B 83 -0.30 -1.70 7.60
CA ASP B 83 0.29 -1.63 8.94
C ASP B 83 0.24 -0.21 9.51
N ARG B 84 -0.68 0.02 10.44
CA ARG B 84 -0.84 1.34 11.05
C ARG B 84 -0.38 1.36 12.51
N GLY B 85 0.47 0.41 12.88
CA GLY B 85 1.09 0.39 14.20
C GLY B 85 0.21 -0.20 15.27
N ASP B 86 -0.61 0.67 15.88
CA ASP B 86 -1.62 0.28 16.86
C ASP B 86 -2.71 -0.59 16.25
N GLU B 87 -2.83 -0.55 14.92
CA GLU B 87 -3.80 -1.36 14.16
C GLU B 87 -3.16 -1.89 12.88
N PHE B 88 -3.54 -3.10 12.49
CA PHE B 88 -3.19 -3.62 11.17
C PHE B 88 -4.23 -4.65 10.69
N THR B 89 -4.30 -4.84 9.36
CA THR B 89 -5.16 -5.86 8.78
C THR B 89 -4.29 -7.06 8.43
N TYR B 90 -4.58 -8.16 9.10
CA TYR B 90 -3.89 -9.43 8.87
C TYR B 90 -4.69 -10.26 7.88
N THR B 91 -3.99 -10.94 6.98
CA THR B 91 -4.62 -11.77 5.95
C THR B 91 -4.51 -13.24 6.31
N GLY B 92 -5.59 -13.99 6.13
CA GLY B 92 -5.59 -15.43 6.38
C GLY B 92 -4.76 -16.24 5.38
N SER B 93 -4.54 -17.51 5.72
CA SER B 93 -3.74 -18.41 4.89
C SER B 93 -4.62 -19.47 4.24
N GLY B 94 -4.02 -20.27 3.36
CA GLY B 94 -4.73 -21.35 2.69
C GLY B 94 -5.12 -20.95 1.28
N GLY B 95 -5.86 -21.82 0.60
CA GLY B 95 -6.25 -21.58 -0.78
C GLY B 95 -5.15 -21.82 -1.79
N LYS B 96 -4.09 -22.50 -1.37
CA LYS B 96 -2.97 -22.88 -2.25
C LYS B 96 -3.26 -24.20 -2.95
N ASN B 97 -4.03 -25.05 -2.27
CA ASN B 97 -4.52 -26.32 -2.81
C ASN B 97 -3.39 -27.25 -3.26
N GLY B 105 1.64 -19.48 -4.16
CA GLY B 105 0.19 -19.40 -4.18
C GLY B 105 -0.36 -19.00 -5.55
N ALA B 106 -1.56 -19.49 -5.86
CA ALA B 106 -2.23 -19.12 -7.11
C ALA B 106 -3.13 -17.90 -6.95
N PRO B 107 -4.11 -17.92 -6.02
CA PRO B 107 -4.76 -19.01 -5.24
C PRO B 107 -5.74 -19.82 -6.08
N SER B 108 -6.10 -20.99 -5.58
CA SER B 108 -6.90 -21.95 -6.34
C SER B 108 -8.24 -22.27 -5.68
N ALA B 109 -8.44 -21.76 -4.46
CA ALA B 109 -9.63 -22.05 -3.67
C ALA B 109 -9.99 -20.94 -2.70
N ASP B 110 -11.27 -20.89 -2.32
CA ASP B 110 -11.72 -20.07 -1.21
C ASP B 110 -11.01 -20.49 0.07
N GLN B 111 -10.53 -19.51 0.84
CA GLN B 111 -10.03 -19.78 2.18
C GLN B 111 -11.19 -20.23 3.04
N THR B 112 -10.89 -21.00 4.08
CA THR B 112 -11.93 -21.43 5.00
C THR B 112 -11.56 -20.99 6.41
N LEU B 113 -12.58 -20.86 7.26
CA LEU B 113 -12.35 -20.57 8.67
C LEU B 113 -12.03 -21.88 9.40
N THR B 114 -10.88 -22.43 9.03
CA THR B 114 -10.38 -23.67 9.58
C THR B 114 -8.92 -23.45 9.95
N ASN B 115 -8.27 -24.46 10.54
CA ASN B 115 -6.85 -24.39 10.84
C ASN B 115 -6.46 -23.08 11.57
N MET B 116 -5.41 -22.41 11.10
CA MET B 116 -4.94 -21.20 11.79
C MET B 116 -5.89 -20.01 11.59
N ASN B 117 -6.64 -20.02 10.48
CA ASN B 117 -7.69 -19.03 10.25
C ASN B 117 -8.79 -19.08 11.31
N ARG B 118 -9.20 -20.28 11.67
CA ARG B 118 -10.19 -20.46 12.74
C ARG B 118 -9.62 -20.02 14.10
N ALA B 119 -8.39 -20.46 14.39
CA ALA B 119 -7.73 -20.16 15.65
C ALA B 119 -7.74 -18.66 15.94
N LEU B 120 -7.33 -17.87 14.96
CA LEU B 120 -7.27 -16.42 15.09
C LEU B 120 -8.66 -15.80 15.26
N ALA B 121 -9.64 -16.31 14.52
CA ALA B 121 -11.03 -15.88 14.66
C ALA B 121 -11.59 -16.15 16.06
N LEU B 122 -11.15 -17.25 16.67
CA LEU B 122 -11.57 -17.59 18.03
C LEU B 122 -11.14 -16.55 19.07
N ASN B 123 -10.06 -15.84 18.78
CA ASN B 123 -9.57 -14.79 19.68
C ASN B 123 -10.54 -13.62 19.83
N CYS B 124 -11.36 -13.41 18.80
CA CYS B 124 -12.35 -12.35 18.82
C CYS B 124 -13.38 -12.61 19.91
N ASP B 125 -13.77 -11.54 20.62
CA ASP B 125 -14.84 -11.60 21.64
C ASP B 125 -16.21 -11.63 20.97
N ALA B 126 -16.47 -12.70 20.22
CA ALA B 126 -17.74 -12.90 19.53
C ALA B 126 -17.87 -14.38 19.12
N PRO B 127 -19.11 -14.89 19.01
CA PRO B 127 -19.26 -16.24 18.50
C PRO B 127 -18.71 -16.35 17.08
N LEU B 128 -18.19 -17.53 16.76
CA LEU B 128 -17.62 -17.82 15.45
C LEU B 128 -18.67 -17.77 14.34
N ASP B 129 -18.37 -17.03 13.27
CA ASP B 129 -19.25 -16.92 12.11
C ASP B 129 -18.43 -17.06 10.82
N ASP B 130 -18.63 -18.18 10.13
CA ASP B 130 -17.82 -18.50 8.96
C ASP B 130 -18.41 -18.02 7.63
N LYS B 131 -19.48 -17.22 7.73
CA LYS B 131 -20.18 -16.72 6.54
C LYS B 131 -19.95 -15.22 6.29
N ILE B 132 -20.11 -14.42 7.33
CA ILE B 132 -19.95 -12.96 7.22
C ILE B 132 -18.88 -12.42 8.16
N GLY B 133 -18.22 -13.32 8.87
CA GLY B 133 -17.29 -12.94 9.93
C GLY B 133 -18.06 -12.39 11.13
N ALA B 134 -17.34 -11.73 12.02
CA ALA B 134 -17.94 -11.18 13.23
C ALA B 134 -17.24 -9.92 13.71
N GLU B 135 -17.95 -9.13 14.49
CA GLU B 135 -17.33 -8.04 15.24
C GLU B 135 -17.53 -8.27 16.74
N SER B 136 -16.49 -7.99 17.52
CA SER B 136 -16.52 -8.20 18.96
C SER B 136 -17.46 -7.20 19.65
N ARG B 137 -18.16 -7.67 20.68
CA ARG B 137 -18.97 -6.81 21.52
C ARG B 137 -18.08 -5.93 22.41
N ASN B 138 -17.01 -6.53 22.94
CA ASN B 138 -15.98 -5.82 23.70
C ASN B 138 -14.60 -6.29 23.25
N TRP B 139 -13.99 -5.53 22.35
CA TRP B 139 -12.74 -5.94 21.68
C TRP B 139 -11.57 -6.22 22.63
N ARG B 140 -11.57 -5.55 23.78
CA ARG B 140 -10.52 -5.73 24.79
C ARG B 140 -10.64 -7.04 25.56
N ALA B 141 -11.82 -7.64 25.50
CA ALA B 141 -12.12 -8.87 26.25
C ALA B 141 -11.80 -10.14 25.47
N GLY B 142 -11.33 -9.99 24.23
CA GLY B 142 -10.92 -11.12 23.41
C GLY B 142 -9.61 -11.72 23.89
N LYS B 143 -9.19 -12.81 23.25
CA LYS B 143 -7.94 -13.49 23.63
C LYS B 143 -6.71 -12.76 23.05
N PRO B 144 -5.64 -12.62 23.86
CA PRO B 144 -4.44 -11.88 23.43
C PRO B 144 -3.62 -12.60 22.35
N VAL B 145 -3.03 -11.83 21.44
CA VAL B 145 -2.09 -12.35 20.46
C VAL B 145 -0.76 -11.60 20.61
N ARG B 146 0.34 -12.33 20.75
CA ARG B 146 1.67 -11.73 20.74
C ARG B 146 2.07 -11.38 19.32
N VAL B 147 2.49 -10.14 19.10
CA VAL B 147 2.81 -9.68 17.76
C VAL B 147 4.28 -9.37 17.60
N ILE B 148 4.90 -10.05 16.63
CA ILE B 148 6.30 -9.86 16.27
C ILE B 148 6.35 -9.21 14.90
N ARG B 149 7.00 -8.05 14.81
CA ARG B 149 7.25 -7.42 13.52
C ARG B 149 8.63 -7.76 13.01
N SER B 150 8.67 -8.23 11.77
CA SER B 150 9.89 -8.66 11.10
C SER B 150 10.45 -7.55 10.22
N PHE B 151 11.77 -7.44 10.18
CA PHE B 151 12.47 -6.53 9.26
C PHE B 151 12.05 -6.72 7.80
N LYS B 152 11.39 -7.84 7.50
CA LYS B 152 10.99 -8.15 6.12
C LYS B 152 9.93 -7.20 5.60
N GLY B 153 9.27 -6.49 6.52
CA GLY B 153 8.29 -5.48 6.14
C GLY B 153 8.81 -4.06 6.12
N ARG B 154 10.12 -3.88 6.24
CA ARG B 154 10.75 -2.54 6.36
C ARG B 154 10.62 -1.63 5.13
N LYS B 155 10.36 -2.20 3.97
CA LYS B 155 10.24 -1.40 2.75
C LYS B 155 8.82 -0.84 2.62
N ILE B 156 7.85 -1.51 3.24
CA ILE B 156 6.44 -1.15 3.09
C ILE B 156 5.72 -0.69 4.38
N SER B 157 6.39 -0.80 5.52
CA SER B 157 5.79 -0.43 6.81
C SER B 157 6.76 0.34 7.69
N LYS B 158 6.38 1.55 8.07
CA LYS B 158 7.22 2.41 8.92
C LYS B 158 7.37 1.88 10.35
N TYR B 159 6.61 0.84 10.67
CA TYR B 159 6.63 0.22 11.99
C TYR B 159 7.51 -1.02 12.11
N ALA B 160 7.88 -1.61 10.96
CA ALA B 160 8.77 -2.77 10.98
C ALA B 160 10.12 -2.33 11.55
N PRO B 161 10.79 -3.22 12.31
CA PRO B 161 12.16 -2.86 12.68
C PRO B 161 13.02 -2.89 11.42
N GLU B 162 14.17 -2.22 11.44
CA GLU B 162 15.02 -2.18 10.26
C GLU B 162 15.91 -3.42 10.16
N GLU B 163 16.06 -4.11 11.30
CA GLU B 163 16.84 -5.33 11.36
C GLU B 163 16.13 -6.29 12.29
N GLY B 164 16.23 -7.58 12.00
CA GLY B 164 15.77 -8.62 12.91
C GLY B 164 14.28 -8.68 13.18
N ASN B 165 13.95 -9.00 14.42
CA ASN B 165 12.57 -9.22 14.85
C ASN B 165 12.34 -8.51 16.16
N ARG B 166 11.19 -7.87 16.30
CA ARG B 166 10.89 -7.09 17.50
C ARG B 166 9.52 -7.47 18.05
N TYR B 167 9.46 -7.64 19.36
CA TYR B 167 8.21 -7.94 20.05
C TYR B 167 7.47 -6.65 20.36
N ASP B 168 6.30 -6.47 19.74
CA ASP B 168 5.54 -5.23 19.89
C ASP B 168 4.39 -5.28 20.89
N GLY B 169 4.13 -6.47 21.45
CA GLY B 169 3.17 -6.60 22.53
C GLY B 169 1.87 -7.25 22.11
N ILE B 170 0.88 -7.13 22.98
CA ILE B 170 -0.40 -7.80 22.82
C ILE B 170 -1.37 -7.02 21.96
N TYR B 171 -2.00 -7.75 21.06
CA TYR B 171 -3.03 -7.22 20.18
C TYR B 171 -4.29 -8.06 20.34
N LYS B 172 -5.42 -7.53 19.89
CA LYS B 172 -6.69 -8.21 20.00
C LYS B 172 -7.36 -8.20 18.64
N VAL B 173 -8.05 -9.29 18.30
CA VAL B 173 -8.80 -9.34 17.04
C VAL B 173 -10.11 -8.58 17.23
N VAL B 174 -10.16 -7.37 16.68
CA VAL B 174 -11.35 -6.51 16.76
C VAL B 174 -12.51 -7.11 15.95
N LYS B 175 -12.22 -7.47 14.71
CA LYS B 175 -13.21 -8.06 13.81
C LYS B 175 -12.53 -8.80 12.68
N TYR B 176 -13.24 -9.76 12.10
CA TYR B 176 -12.76 -10.48 10.94
C TYR B 176 -13.90 -10.58 9.94
N TRP B 177 -13.54 -10.67 8.65
CA TRP B 177 -14.53 -10.67 7.59
C TRP B 177 -14.00 -11.34 6.31
N PRO B 178 -14.91 -11.96 5.54
CA PRO B 178 -14.47 -12.50 4.26
C PRO B 178 -14.56 -11.45 3.17
N GLU B 179 -13.64 -11.50 2.21
CA GLU B 179 -13.79 -10.73 0.98
C GLU B 179 -13.27 -11.52 -0.21
N ILE B 180 -13.95 -11.37 -1.33
CA ILE B 180 -13.52 -12.01 -2.57
C ILE B 180 -12.46 -11.13 -3.22
N SER B 181 -11.32 -11.75 -3.55
CA SER B 181 -10.26 -11.08 -4.29
C SER B 181 -10.75 -10.72 -5.67
N SER B 182 -10.50 -9.50 -6.10
CA SER B 182 -10.97 -9.06 -7.41
C SER B 182 -10.05 -9.47 -8.55
N SER B 183 -8.84 -9.91 -8.22
CA SER B 183 -7.87 -10.36 -9.22
C SER B 183 -7.75 -11.89 -9.37
N HIS B 184 -8.31 -12.66 -8.43
CA HIS B 184 -8.34 -14.13 -8.58
C HIS B 184 -9.66 -14.80 -8.23
N GLY B 185 -10.57 -14.07 -7.60
CA GLY B 185 -11.96 -14.51 -7.45
C GLY B 185 -12.24 -15.53 -6.38
N PHE B 186 -11.33 -15.67 -5.43
CA PHE B 186 -11.50 -16.56 -4.29
C PHE B 186 -11.58 -15.79 -2.98
N LEU B 187 -12.32 -16.36 -2.03
CA LEU B 187 -12.55 -15.75 -0.73
C LEU B 187 -11.26 -15.74 0.09
N VAL B 188 -11.02 -14.61 0.75
CA VAL B 188 -9.85 -14.40 1.60
C VAL B 188 -10.34 -13.85 2.94
N TRP B 189 -9.80 -14.40 4.03
CA TRP B 189 -10.13 -13.91 5.37
C TRP B 189 -9.22 -12.77 5.79
N ARG B 190 -9.83 -11.70 6.27
CA ARG B 190 -9.11 -10.54 6.80
C ARG B 190 -9.42 -10.39 8.28
N TYR B 191 -8.45 -9.92 9.04
CA TYR B 191 -8.62 -9.70 10.47
C TYR B 191 -8.09 -8.32 10.84
N LEU B 192 -8.87 -7.56 11.62
CA LEU B 192 -8.37 -6.31 12.17
C LEU B 192 -7.82 -6.52 13.57
N LEU B 193 -6.52 -6.27 13.73
CA LEU B 193 -5.86 -6.40 15.03
C LEU B 193 -5.57 -5.01 15.61
N ARG B 194 -5.86 -4.85 16.91
CA ARG B 194 -5.64 -3.58 17.61
C ARG B 194 -4.81 -3.81 18.88
N ARG B 195 -3.83 -2.93 19.11
CA ARG B 195 -2.93 -3.06 20.25
C ARG B 195 -3.66 -2.84 21.58
N ASP B 196 -3.39 -3.73 22.53
CA ASP B 196 -4.00 -3.64 23.83
C ASP B 196 -3.02 -4.11 24.87
N ASP B 197 -2.10 -3.22 25.20
CA ASP B 197 -0.95 -3.57 26.03
C ASP B 197 -0.57 -2.39 26.89
N VAL B 198 -0.41 -2.68 28.17
CA VAL B 198 -0.01 -1.70 29.17
C VAL B 198 1.38 -1.09 28.89
N GLU B 199 2.26 -1.91 28.31
CA GLU B 199 3.60 -1.48 27.97
C GLU B 199 3.55 -0.63 26.70
N PRO B 200 4.15 0.58 26.75
CA PRO B 200 4.20 1.48 25.61
C PRO B 200 4.76 0.82 24.35
N ALA B 201 4.17 1.15 23.20
CA ALA B 201 4.63 0.63 21.91
C ALA B 201 6.03 1.19 21.61
N PRO B 202 6.90 0.36 20.98
CA PRO B 202 8.32 0.73 20.72
C PRO B 202 8.55 2.00 19.91
N TRP B 203 7.60 2.38 19.06
CA TRP B 203 7.71 3.62 18.27
C TRP B 203 7.32 4.88 19.05
N THR B 204 6.61 4.72 20.17
CA THR B 204 6.24 5.88 21.00
C THR B 204 7.46 6.42 21.76
N SER B 205 7.40 7.69 22.15
CA SER B 205 8.44 8.31 22.99
C SER B 205 8.66 7.47 24.25
N GLU B 206 7.56 7.07 24.86
CA GLU B 206 7.59 6.25 26.07
C GLU B 206 8.31 4.93 25.82
N GLY B 207 7.98 4.28 24.71
CA GLY B 207 8.62 3.03 24.30
C GLY B 207 10.12 3.15 24.05
N ILE B 208 10.51 4.18 23.31
CA ILE B 208 11.93 4.50 23.04
C ILE B 208 12.73 4.72 24.33
N GLU B 209 12.17 5.54 25.23
CA GLU B 209 12.82 5.90 26.49
C GLU B 209 12.99 4.65 27.36
N ARG B 210 11.99 3.78 27.34
CA ARG B 210 12.01 2.53 28.07
C ARG B 210 13.05 1.57 27.49
N SER B 211 13.10 1.47 26.16
CA SER B 211 14.10 0.64 25.49
C SER B 211 15.54 1.09 25.78
N ARG B 212 15.75 2.40 25.82
CA ARG B 212 17.04 2.97 26.21
C ARG B 212 17.39 2.60 27.66
N ARG B 213 16.39 2.70 28.54
CA ARG B 213 16.55 2.44 29.96
C ARG B 213 16.84 0.95 30.27
N LEU B 214 16.22 0.06 29.51
CA LEU B 214 16.38 -1.38 29.71
C LEU B 214 17.57 -2.02 28.96
N CYS B 215 18.08 -1.31 27.95
CA CYS B 215 19.19 -1.79 27.10
C CYS B 215 18.90 -3.16 26.45
#